data_4M6F
#
_entry.id   4M6F
#
_cell.length_a   119.800
_cell.length_b   119.800
_cell.length_c   343.400
_cell.angle_alpha   90.00
_cell.angle_beta   90.00
_cell.angle_gamma   120.00
#
_symmetry.space_group_name_H-M   'P 64 2 2'
#
loop_
_entity.id
_entity.type
_entity.pdbx_description
1 polymer DNA-invertase
2 polymer 'gix site analog'
3 polymer 'gix site analog'
#
loop_
_entity_poly.entity_id
_entity_poly.type
_entity_poly.pdbx_seq_one_letter_code
_entity_poly.pdbx_strand_id
1 'polypeptide(L)'
;MLIGYVRVSTNDQNTDLQRNALVCAGCEQIFEDKLSGTRTDRPGLKRALKRLQKGDTLVVWKLDRLGRSMKHLISLVGEL
RERGINFRSLTDSIDTSSPMGRFFFHVMGALAEVERELIIERTMAGLAAARNKGRIGGRPPKLTKAEQEQAGRLLAQGIP
RKQVALIYDVALSTLYKKHPAKRAHIENDDRIN
;
A
2 'polydeoxyribonucleotide' (DA)(DA)(DG)(DT)(DT)(DT)(DT)(DT)(DG)(DA)(DT)(DA)(DA)(DG)(DT)(DT)(DT) B
3 'polydeoxyribonucleotide' (DA)(DA)(DA)(DA)(DC)(DT)(DT)(DA)(DT)(DC)(DA)(DA)(DA)(DA)(DA)(DC)(DT)(DT) C
#
loop_
_chem_comp.id
_chem_comp.type
_chem_comp.name
_chem_comp.formula
DA DNA linking 2'-DEOXYADENOSINE-5'-MONOPHOSPHATE 'C10 H14 N5 O6 P'
DC DNA linking 2'-DEOXYCYTIDINE-5'-MONOPHOSPHATE 'C9 H14 N3 O7 P'
DG DNA linking 2'-DEOXYGUANOSINE-5'-MONOPHOSPHATE 'C10 H14 N5 O7 P'
DT DNA linking THYMIDINE-5'-MONOPHOSPHATE 'C10 H15 N2 O8 P'
#
# COMPACT_ATOMS: atom_id res chain seq x y z
N LEU A 2 26.09 -11.77 3.08
CA LEU A 2 26.64 -13.05 3.60
C LEU A 2 25.48 -13.91 4.11
N ILE A 3 24.26 -13.45 3.85
CA ILE A 3 23.06 -14.15 4.26
C ILE A 3 22.57 -15.09 3.15
N GLY A 4 21.30 -15.47 3.20
CA GLY A 4 20.77 -16.36 2.19
C GLY A 4 19.26 -16.54 2.30
N TYR A 5 18.56 -16.44 1.17
CA TYR A 5 17.10 -16.60 1.16
C TYR A 5 16.60 -17.33 -0.08
N VAL A 6 15.42 -17.92 0.04
CA VAL A 6 14.80 -18.67 -1.06
C VAL A 6 13.30 -18.37 -1.11
N ARG A 7 12.75 -18.31 -2.32
CA ARG A 7 11.33 -18.03 -2.51
C ARG A 7 10.56 -19.21 -3.10
N VAL A 8 9.29 -19.32 -2.71
CA VAL A 8 8.40 -20.37 -3.17
C VAL A 8 7.23 -19.73 -3.92
N SER A 9 6.80 -20.38 -5.01
CA SER A 9 5.70 -19.87 -5.80
C SER A 9 4.39 -20.55 -5.38
N THR A 10 4.35 -21.86 -5.54
CA THR A 10 3.17 -22.65 -5.18
C THR A 10 3.42 -24.13 -5.42
N ASN A 11 4.24 -24.44 -6.42
CA ASN A 11 4.58 -25.82 -6.75
C ASN A 11 6.03 -26.08 -6.40
N ASP A 12 6.39 -27.35 -6.22
CA ASP A 12 7.76 -27.71 -5.88
C ASP A 12 8.59 -27.85 -7.15
N GLN A 13 8.01 -27.42 -8.27
CA GLN A 13 8.67 -27.49 -9.56
C GLN A 13 9.66 -26.33 -9.73
N ASN A 14 9.21 -25.12 -9.41
CA ASN A 14 10.05 -23.95 -9.52
C ASN A 14 10.59 -23.47 -8.18
N THR A 15 10.78 -24.43 -7.26
CA THR A 15 11.30 -24.13 -5.94
C THR A 15 12.79 -24.45 -5.89
N ASP A 16 13.18 -25.54 -6.54
CA ASP A 16 14.57 -25.96 -6.59
C ASP A 16 15.33 -25.01 -7.50
N LEU A 17 14.59 -24.16 -8.20
CA LEU A 17 15.18 -23.18 -9.11
C LEU A 17 15.75 -22.02 -8.31
N GLN A 18 15.11 -21.73 -7.18
CA GLN A 18 15.56 -20.65 -6.31
C GLN A 18 16.24 -21.24 -5.09
N ARG A 19 15.98 -22.53 -4.85
CA ARG A 19 16.56 -23.26 -3.73
C ARG A 19 18.07 -23.35 -3.90
N ASN A 20 18.53 -24.49 -4.43
CA ASN A 20 19.95 -24.72 -4.65
C ASN A 20 20.55 -23.70 -5.60
N ALA A 21 19.77 -22.67 -5.92
CA ALA A 21 20.24 -21.62 -6.83
C ALA A 21 21.39 -20.89 -6.15
N LEU A 22 21.37 -20.91 -4.82
CA LEU A 22 22.41 -20.27 -4.03
C LEU A 22 23.25 -21.33 -3.32
N VAL A 23 23.03 -22.58 -3.70
CA VAL A 23 23.75 -23.70 -3.09
C VAL A 23 25.27 -23.46 -3.13
N CYS A 24 25.70 -22.60 -4.05
CA CYS A 24 27.11 -22.28 -4.20
C CYS A 24 27.35 -20.79 -3.98
N ALA A 25 26.28 -20.09 -3.63
CA ALA A 25 26.35 -18.65 -3.39
C ALA A 25 27.20 -18.34 -2.16
N GLY A 26 27.84 -19.37 -1.61
CA GLY A 26 28.68 -19.19 -0.44
C GLY A 26 28.05 -18.29 0.60
N CYS A 27 26.79 -18.56 0.92
CA CYS A 27 26.05 -17.77 1.90
C CYS A 27 26.45 -18.10 3.34
N GLU A 28 25.45 -18.36 4.18
CA GLU A 28 25.70 -18.68 5.58
C GLU A 28 24.41 -19.07 6.30
N GLN A 29 23.29 -18.60 5.77
CA GLN A 29 21.99 -18.87 6.38
C GLN A 29 20.90 -19.17 5.35
N ILE A 30 20.04 -20.13 5.69
CA ILE A 30 18.93 -20.53 4.83
C ILE A 30 17.65 -19.90 5.35
N PHE A 31 16.73 -19.56 4.45
CA PHE A 31 15.47 -18.95 4.84
C PHE A 31 14.31 -19.36 3.94
N GLU A 32 13.82 -20.58 4.11
CA GLU A 32 12.72 -21.11 3.32
C GLU A 32 11.39 -20.64 3.90
N ASP A 33 10.40 -20.44 3.04
CA ASP A 33 9.07 -20.01 3.48
C ASP A 33 7.99 -20.38 2.47
N LYS A 34 6.74 -20.04 2.79
CA LYS A 34 5.61 -20.33 1.90
C LYS A 34 4.69 -19.14 1.68
N LEU A 35 3.80 -19.26 0.70
CA LEU A 35 2.85 -18.21 0.35
C LEU A 35 1.41 -18.69 0.45
N SER A 36 1.23 -20.01 0.63
CA SER A 36 -0.09 -20.62 0.73
C SER A 36 -1.18 -19.73 1.32
N GLY A 37 -0.83 -19.00 2.37
CA GLY A 37 -1.81 -18.11 3.00
C GLY A 37 -1.97 -16.80 2.23
N THR A 38 -2.35 -15.75 2.95
CA THR A 38 -2.54 -14.44 2.35
C THR A 38 -1.23 -13.66 2.37
N ARG A 39 -0.61 -13.52 1.19
CA ARG A 39 0.65 -12.81 1.05
C ARG A 39 0.60 -11.33 1.43
N THR A 40 -0.40 -10.96 2.22
CA THR A 40 -0.55 -9.58 2.65
C THR A 40 0.18 -9.35 3.97
N ASP A 41 0.78 -10.41 4.50
CA ASP A 41 1.50 -10.32 5.77
C ASP A 41 2.59 -11.39 5.83
N ARG A 42 3.68 -11.13 5.09
CA ARG A 42 4.83 -12.04 5.02
C ARG A 42 4.52 -13.43 5.56
N PRO A 43 3.68 -14.19 4.85
CA PRO A 43 3.24 -15.54 5.17
C PRO A 43 4.36 -16.55 5.36
N GLY A 44 5.61 -16.07 5.34
CA GLY A 44 6.72 -16.98 5.51
C GLY A 44 8.04 -16.29 5.76
N LEU A 45 8.78 -16.79 6.74
CA LEU A 45 10.09 -16.25 7.11
C LEU A 45 10.03 -14.74 7.23
N LYS A 46 9.26 -14.25 8.20
CA LYS A 46 9.10 -12.83 8.43
C LYS A 46 10.20 -12.23 9.31
N ARG A 47 10.88 -13.08 10.07
CA ARG A 47 11.94 -12.61 10.96
C ARG A 47 13.34 -12.57 10.36
N ALA A 48 13.45 -12.85 9.07
CA ALA A 48 14.75 -12.82 8.41
C ALA A 48 15.37 -11.44 8.52
N LEU A 49 14.51 -10.41 8.55
CA LEU A 49 14.99 -9.03 8.65
C LEU A 49 15.43 -8.70 10.06
N LYS A 50 15.00 -9.50 11.03
CA LYS A 50 15.36 -9.28 12.42
C LYS A 50 16.81 -9.67 12.70
N ARG A 51 17.05 -10.97 12.75
CA ARG A 51 18.38 -11.51 13.02
C ARG A 51 19.33 -11.36 11.84
N LEU A 52 19.18 -10.26 11.10
CA LEU A 52 20.04 -10.00 9.95
C LEU A 52 21.26 -9.20 10.38
N GLN A 53 22.31 -9.27 9.58
CA GLN A 53 23.55 -8.54 9.83
C GLN A 53 23.36 -7.10 9.37
N LYS A 54 22.81 -6.28 10.26
CA LYS A 54 22.54 -4.87 9.99
C LYS A 54 23.76 -4.16 9.40
N GLY A 55 24.92 -4.81 9.47
CA GLY A 55 26.13 -4.22 8.94
C GLY A 55 26.51 -4.72 7.56
N ASP A 56 26.54 -6.03 7.39
CA ASP A 56 26.90 -6.64 6.11
C ASP A 56 25.72 -6.86 5.17
N THR A 57 26.04 -6.99 3.88
CA THR A 57 25.05 -7.17 2.82
C THR A 57 24.02 -8.28 3.07
N LEU A 58 22.97 -8.27 2.25
CA LEU A 58 21.89 -9.24 2.35
C LEU A 58 21.98 -10.26 1.21
N VAL A 59 21.05 -11.22 1.20
CA VAL A 59 21.02 -12.24 0.16
C VAL A 59 19.61 -12.73 -0.16
N VAL A 60 19.28 -12.70 -1.44
CA VAL A 60 18.00 -13.12 -1.99
C VAL A 60 18.23 -12.94 -3.49
N TRP A 61 17.62 -13.77 -4.33
CA TRP A 61 17.90 -13.63 -5.75
C TRP A 61 16.79 -13.33 -6.75
N LYS A 62 15.65 -13.99 -6.67
CA LYS A 62 14.58 -13.74 -7.61
C LYS A 62 13.57 -12.67 -7.22
N LEU A 63 13.76 -11.46 -7.74
CA LEU A 63 12.83 -10.38 -7.45
C LEU A 63 11.60 -10.70 -8.29
N ASP A 64 11.74 -11.72 -9.14
CA ASP A 64 10.66 -12.17 -9.99
C ASP A 64 9.66 -12.77 -9.01
N ARG A 65 9.63 -14.10 -8.94
CA ARG A 65 8.76 -14.78 -7.99
C ARG A 65 9.21 -14.28 -6.63
N LEU A 66 8.42 -13.41 -6.01
CA LEU A 66 8.76 -12.86 -4.72
C LEU A 66 7.59 -12.08 -4.14
N GLY A 67 7.67 -11.75 -2.85
CA GLY A 67 6.62 -11.00 -2.22
C GLY A 67 6.49 -9.63 -2.87
N ARG A 68 7.61 -9.14 -3.40
CA ARG A 68 7.68 -7.86 -4.08
C ARG A 68 6.44 -7.63 -4.94
N SER A 69 5.51 -6.82 -4.44
CA SER A 69 4.29 -6.55 -5.19
C SER A 69 3.81 -5.10 -5.10
N MET A 70 2.95 -4.74 -6.06
CA MET A 70 2.36 -3.41 -6.16
C MET A 70 3.27 -2.22 -5.87
N LYS A 71 2.65 -1.04 -5.79
CA LYS A 71 3.33 0.22 -5.53
C LYS A 71 4.27 0.18 -4.34
N HIS A 72 3.96 -0.67 -3.35
CA HIS A 72 4.78 -0.77 -2.15
C HIS A 72 6.08 -1.55 -2.33
N LEU A 73 6.14 -2.41 -3.35
CA LEU A 73 7.34 -3.20 -3.60
C LEU A 73 8.56 -2.31 -3.64
N ILE A 74 8.35 -1.03 -3.94
CA ILE A 74 9.43 -0.06 -4.02
C ILE A 74 9.47 0.84 -2.79
N SER A 75 8.30 1.08 -2.21
CA SER A 75 8.16 1.92 -1.03
C SER A 75 9.11 1.57 0.10
N LEU A 76 8.90 0.42 0.72
CA LEU A 76 9.72 -0.02 1.85
C LEU A 76 11.00 -0.78 1.50
N VAL A 77 11.12 -1.26 0.27
CA VAL A 77 12.31 -2.00 -0.13
C VAL A 77 13.52 -1.07 -0.05
N GLY A 78 13.26 0.23 -0.09
CA GLY A 78 14.32 1.21 -0.03
C GLY A 78 14.96 1.26 1.35
N GLU A 79 14.82 0.18 2.11
CA GLU A 79 15.39 0.10 3.45
C GLU A 79 16.78 -0.52 3.42
N LEU A 80 17.20 -0.93 2.23
CA LEU A 80 18.52 -1.52 2.06
C LEU A 80 19.52 -0.41 2.33
N ARG A 81 19.37 0.68 1.57
CA ARG A 81 20.23 1.84 1.69
C ARG A 81 20.14 2.36 3.12
N GLU A 82 19.06 2.00 3.81
CA GLU A 82 18.83 2.42 5.18
C GLU A 82 19.90 1.86 6.11
N ARG A 83 20.08 0.54 6.08
CA ARG A 83 21.09 -0.10 6.93
C ARG A 83 22.39 -0.29 6.16
N GLY A 84 22.86 -1.53 6.09
CA GLY A 84 24.11 -1.79 5.40
C GLY A 84 24.04 -2.93 4.38
N ILE A 85 23.23 -2.74 3.35
CA ILE A 85 23.08 -3.77 2.31
C ILE A 85 22.72 -3.14 0.97
N ASN A 86 22.46 -3.99 -0.02
CA ASN A 86 22.10 -3.54 -1.36
C ASN A 86 21.40 -4.69 -2.08
N PHE A 87 22.18 -5.47 -2.82
CA PHE A 87 21.66 -6.61 -3.58
C PHE A 87 22.74 -7.01 -4.58
N ARG A 88 22.52 -8.11 -5.29
CA ARG A 88 23.44 -8.61 -6.31
C ARG A 88 23.21 -10.10 -6.59
N SER A 89 21.98 -10.44 -6.95
CA SER A 89 21.63 -11.81 -7.25
C SER A 89 22.27 -12.23 -8.57
N LEU A 90 21.93 -13.42 -9.06
CA LEU A 90 22.49 -13.91 -10.31
C LEU A 90 21.45 -14.17 -11.39
N THR A 91 20.26 -14.62 -10.99
CA THR A 91 19.19 -14.88 -11.96
C THR A 91 18.97 -13.58 -12.71
N ASP A 92 19.15 -12.49 -12.00
CA ASP A 92 19.03 -11.14 -12.53
C ASP A 92 20.24 -10.42 -11.95
N SER A 93 21.33 -10.41 -12.70
CA SER A 93 22.57 -9.78 -12.26
C SER A 93 22.37 -8.29 -12.01
N ILE A 94 21.14 -7.92 -11.66
CA ILE A 94 20.79 -6.54 -11.37
C ILE A 94 22.00 -5.80 -10.81
N ASP A 95 22.39 -4.72 -11.46
CA ASP A 95 23.54 -3.95 -11.01
C ASP A 95 23.26 -3.40 -9.62
N THR A 96 24.03 -3.88 -8.64
CA THR A 96 23.87 -3.46 -7.26
C THR A 96 25.20 -3.59 -6.52
N SER A 97 25.19 -4.26 -5.37
CA SER A 97 26.38 -4.47 -4.57
C SER A 97 26.88 -3.15 -3.97
N SER A 98 28.07 -2.72 -4.41
CA SER A 98 28.67 -1.49 -3.94
C SER A 98 28.15 -0.32 -4.78
N PRO A 99 28.66 0.90 -4.55
CA PRO A 99 28.20 2.06 -5.32
C PRO A 99 28.10 1.82 -6.83
N MET A 100 28.77 0.77 -7.32
CA MET A 100 28.73 0.43 -8.73
C MET A 100 27.28 0.26 -9.17
N GLY A 101 26.48 -0.36 -8.30
CA GLY A 101 25.08 -0.58 -8.61
C GLY A 101 24.19 0.30 -7.74
N ARG A 102 24.54 0.39 -6.46
CA ARG A 102 23.81 1.20 -5.50
C ARG A 102 23.32 2.51 -6.11
N PHE A 103 24.23 3.46 -6.23
CA PHE A 103 23.92 4.77 -6.79
C PHE A 103 23.67 4.74 -8.28
N PHE A 104 23.44 3.55 -8.81
CA PHE A 104 23.17 3.39 -10.24
C PHE A 104 21.78 2.78 -10.38
N PHE A 105 21.30 2.22 -9.28
CA PHE A 105 19.97 1.62 -9.22
C PHE A 105 19.31 2.17 -7.96
N HIS A 106 19.81 3.34 -7.54
CA HIS A 106 19.31 4.04 -6.38
C HIS A 106 18.32 5.05 -6.93
N VAL A 107 18.53 5.44 -8.18
CA VAL A 107 17.67 6.37 -8.88
C VAL A 107 16.86 5.53 -9.86
N MET A 108 16.77 4.24 -9.54
CA MET A 108 16.03 3.28 -10.35
C MET A 108 14.84 2.86 -9.50
N GLY A 109 14.96 3.12 -8.20
CA GLY A 109 13.90 2.80 -7.26
C GLY A 109 13.36 4.08 -6.67
N ALA A 110 14.20 5.11 -6.64
CA ALA A 110 13.82 6.41 -6.12
C ALA A 110 13.22 7.22 -7.27
N LEU A 111 13.71 6.95 -8.48
CA LEU A 111 13.23 7.64 -9.66
C LEU A 111 12.20 6.72 -10.30
N ALA A 112 12.06 5.52 -9.71
CA ALA A 112 11.10 4.54 -10.20
C ALA A 112 9.72 5.17 -10.20
N GLU A 113 9.63 6.38 -9.63
CA GLU A 113 8.37 7.10 -9.58
C GLU A 113 7.74 7.03 -10.96
N VAL A 114 8.41 7.67 -11.92
CA VAL A 114 7.95 7.73 -13.31
C VAL A 114 7.46 6.41 -13.89
N GLU A 115 8.14 5.31 -13.55
CA GLU A 115 7.75 4.00 -14.05
C GLU A 115 6.24 3.82 -14.00
N ARG A 116 5.60 4.54 -13.09
CA ARG A 116 4.15 4.47 -12.94
C ARG A 116 3.61 5.83 -12.48
N GLU A 117 4.51 6.76 -12.21
CA GLU A 117 4.13 8.09 -11.76
C GLU A 117 3.18 8.77 -12.72
N LEU A 118 3.22 8.33 -13.98
CA LEU A 118 2.33 8.90 -15.00
C LEU A 118 1.05 8.10 -15.11
N ILE A 119 1.06 6.90 -14.53
CA ILE A 119 -0.14 6.06 -14.55
C ILE A 119 -1.17 6.83 -13.74
N ILE A 120 -0.71 7.91 -13.13
CA ILE A 120 -1.55 8.79 -12.33
C ILE A 120 -2.42 9.56 -13.31
N GLU A 121 -2.07 9.48 -14.58
CA GLU A 121 -2.80 10.14 -15.65
C GLU A 121 -3.55 9.08 -16.44
N ARG A 122 -2.87 7.99 -16.76
CA ARG A 122 -3.47 6.88 -17.49
C ARG A 122 -4.71 6.43 -16.73
N THR A 123 -4.56 6.26 -15.43
CA THR A 123 -5.66 5.83 -14.57
C THR A 123 -6.76 6.89 -14.55
N MET A 124 -6.36 8.16 -14.56
CA MET A 124 -7.33 9.24 -14.54
C MET A 124 -8.02 9.37 -15.90
N ALA A 125 -7.52 8.62 -16.89
CA ALA A 125 -8.09 8.64 -18.22
C ALA A 125 -9.42 7.89 -18.24
N GLY A 126 -9.40 6.65 -17.79
CA GLY A 126 -10.60 5.84 -17.76
C GLY A 126 -11.57 6.32 -16.69
N LEU A 127 -11.19 7.39 -15.99
CA LEU A 127 -12.03 7.96 -14.94
C LEU A 127 -12.50 9.36 -15.30
N ALA A 128 -11.55 10.23 -15.65
CA ALA A 128 -11.88 11.61 -16.02
C ALA A 128 -12.79 11.59 -17.24
N ALA A 129 -12.83 10.44 -17.91
CA ALA A 129 -13.66 10.26 -19.09
C ALA A 129 -14.99 9.66 -18.67
N ALA A 130 -14.92 8.54 -17.95
CA ALA A 130 -16.12 7.87 -17.47
C ALA A 130 -17.01 8.89 -16.76
N ARG A 131 -16.37 9.94 -16.24
CA ARG A 131 -17.07 11.00 -15.55
C ARG A 131 -18.05 11.67 -16.52
N ASN A 132 -17.56 12.71 -17.20
CA ASN A 132 -18.36 13.46 -18.16
C ASN A 132 -19.78 13.68 -17.63
N LYS A 133 -20.70 12.81 -18.04
CA LYS A 133 -22.08 12.89 -17.60
C LYS A 133 -22.64 11.49 -17.31
N GLY A 134 -21.77 10.50 -17.35
CA GLY A 134 -22.19 9.13 -17.09
C GLY A 134 -21.56 8.54 -15.85
N ARG A 135 -22.20 8.77 -14.69
CA ARG A 135 -21.72 8.26 -13.42
C ARG A 135 -20.42 8.91 -12.95
N ILE A 136 -20.52 9.71 -11.89
CA ILE A 136 -19.37 10.40 -11.33
C ILE A 136 -18.39 9.38 -10.73
N GLY A 137 -18.85 8.66 -9.72
CA GLY A 137 -18.00 7.66 -9.08
C GLY A 137 -17.64 8.04 -7.66
N GLY A 138 -18.66 8.22 -6.82
CA GLY A 138 -18.41 8.58 -5.43
C GLY A 138 -19.52 8.12 -4.51
N ARG A 139 -19.23 8.08 -3.21
CA ARG A 139 -20.19 7.65 -2.21
C ARG A 139 -21.61 8.07 -2.58
N PRO A 140 -22.50 7.08 -2.78
CA PRO A 140 -23.90 7.34 -3.14
C PRO A 140 -24.70 7.97 -2.00
N PRO A 141 -25.42 9.06 -2.29
CA PRO A 141 -26.23 9.75 -1.28
C PRO A 141 -27.29 8.84 -0.70
N LYS A 142 -27.33 8.74 0.64
CA LYS A 142 -28.32 7.92 1.31
C LYS A 142 -29.50 8.81 1.67
N LEU A 143 -29.23 10.11 1.70
CA LEU A 143 -30.27 11.09 2.02
C LEU A 143 -30.79 11.66 0.71
N THR A 144 -32.10 11.77 0.60
CA THR A 144 -32.74 12.28 -0.62
C THR A 144 -33.11 13.75 -0.49
N LYS A 145 -33.03 14.46 -1.61
CA LYS A 145 -33.33 15.89 -1.67
C LYS A 145 -34.72 16.20 -1.08
N ALA A 146 -35.66 15.29 -1.30
CA ALA A 146 -37.02 15.46 -0.80
C ALA A 146 -37.07 15.38 0.72
N GLU A 147 -36.05 14.76 1.31
CA GLU A 147 -35.98 14.61 2.76
C GLU A 147 -35.02 15.60 3.40
N GLN A 148 -34.29 16.35 2.58
CA GLN A 148 -33.35 17.34 3.08
C GLN A 148 -34.02 18.65 3.47
N GLU A 149 -34.71 19.27 2.52
CA GLU A 149 -35.39 20.53 2.79
C GLU A 149 -36.60 20.34 3.70
N GLN A 150 -36.88 19.08 4.02
CA GLN A 150 -38.01 18.75 4.89
C GLN A 150 -37.87 19.46 6.23
N ALA A 151 -36.65 19.46 6.77
CA ALA A 151 -36.37 20.10 8.05
C ALA A 151 -36.22 21.60 7.88
N GLY A 152 -36.62 22.10 6.71
CA GLY A 152 -36.52 23.52 6.43
C GLY A 152 -37.51 24.35 7.22
N ARG A 153 -38.39 23.69 7.97
CA ARG A 153 -39.38 24.40 8.76
C ARG A 153 -39.77 23.62 10.02
N LEU A 154 -38.97 22.61 10.37
CA LEU A 154 -39.23 21.81 11.56
C LEU A 154 -38.89 22.62 12.81
N LEU A 155 -37.60 22.85 13.02
CA LEU A 155 -37.11 23.61 14.17
C LEU A 155 -37.31 25.10 14.00
N ALA A 156 -38.38 25.47 13.29
CA ALA A 156 -38.68 26.87 13.06
C ALA A 156 -40.10 27.17 13.55
N GLN A 157 -40.79 26.15 14.01
CA GLN A 157 -42.16 26.30 14.51
C GLN A 157 -42.33 25.70 15.90
N GLY A 158 -41.48 24.74 16.26
CA GLY A 158 -41.60 24.13 17.57
C GLY A 158 -40.78 22.87 17.80
N ILE A 159 -39.97 22.49 16.82
CA ILE A 159 -39.14 21.29 16.95
C ILE A 159 -37.75 21.67 17.49
N PRO A 160 -37.29 20.98 18.55
CA PRO A 160 -35.98 21.23 19.17
C PRO A 160 -34.78 20.90 18.29
N ARG A 161 -33.80 20.22 18.88
CA ARG A 161 -32.59 19.82 18.16
C ARG A 161 -32.25 18.36 18.42
N LYS A 162 -32.14 18.00 19.70
CA LYS A 162 -31.82 16.63 20.08
C LYS A 162 -33.04 15.73 19.87
N GLN A 163 -33.91 16.13 18.96
CA GLN A 163 -35.12 15.35 18.70
C GLN A 163 -35.50 15.34 17.22
N VAL A 164 -35.09 16.39 16.49
CA VAL A 164 -35.40 16.50 15.07
C VAL A 164 -34.82 15.31 14.30
N ALA A 165 -33.74 14.74 14.83
CA ALA A 165 -33.08 13.61 14.20
C ALA A 165 -33.22 12.34 15.04
N LEU A 166 -34.05 11.42 14.57
CA LEU A 166 -34.27 10.14 15.25
C LEU A 166 -34.74 9.11 14.24
N ILE A 167 -35.77 9.45 13.47
CA ILE A 167 -36.30 8.55 12.47
C ILE A 167 -35.40 8.61 11.24
N TYR A 168 -34.63 9.68 11.14
CA TYR A 168 -33.71 9.88 10.02
C TYR A 168 -32.42 9.11 10.33
N ASP A 169 -31.88 9.34 11.52
CA ASP A 169 -30.64 8.70 11.94
C ASP A 169 -29.52 9.12 11.00
N VAL A 170 -29.24 10.42 10.98
CA VAL A 170 -28.21 10.98 10.11
C VAL A 170 -26.79 10.61 10.58
N ALA A 171 -26.17 11.51 11.34
CA ALA A 171 -24.82 11.29 11.84
C ALA A 171 -24.63 11.96 13.19
N LEU A 172 -23.36 12.10 13.59
CA LEU A 172 -23.01 12.73 14.86
C LEU A 172 -22.12 13.93 14.57
N SER A 173 -22.34 14.54 13.40
CA SER A 173 -21.58 15.71 12.97
C SER A 173 -22.26 16.36 11.77
N THR A 174 -22.96 15.55 10.98
CA THR A 174 -23.65 16.05 9.80
C THR A 174 -24.75 17.01 10.23
N LEU A 175 -25.97 16.49 10.38
CA LEU A 175 -27.13 17.27 10.78
C LEU A 175 -27.02 18.76 10.49
N TYR A 176 -26.37 19.50 11.39
CA TYR A 176 -26.22 20.94 11.22
C TYR A 176 -25.38 21.35 10.03
N LYS A 177 -26.03 22.05 9.10
CA LYS A 177 -25.39 22.54 7.88
C LYS A 177 -26.03 23.89 7.57
N LYS A 178 -26.49 24.58 8.61
CA LYS A 178 -27.14 25.88 8.45
C LYS A 178 -26.60 26.95 9.39
N HIS A 179 -27.46 27.90 9.74
CA HIS A 179 -27.10 29.01 10.62
C HIS A 179 -26.72 28.50 12.01
N PRO A 180 -26.20 29.40 12.88
CA PRO A 180 -25.82 28.99 14.24
C PRO A 180 -26.89 28.22 15.01
N ALA A 181 -26.49 27.64 16.13
CA ALA A 181 -27.39 26.87 16.98
C ALA A 181 -27.28 27.29 18.44
N LYS A 182 -26.25 26.78 19.11
CA LYS A 182 -26.02 27.09 20.52
C LYS A 182 -24.56 27.51 20.72
N ARG A 183 -24.38 28.63 21.41
CA ARG A 183 -23.08 29.23 21.70
C ARG A 183 -21.83 28.35 21.74
N ALA A 184 -20.69 28.99 21.54
CA ALA A 184 -19.37 28.37 21.53
C ALA A 184 -19.03 27.81 20.15
N HIS A 185 -17.75 27.86 19.78
CA HIS A 185 -17.33 27.36 18.48
C HIS A 185 -16.18 26.36 18.53
N ILE A 186 -15.72 25.96 17.35
CA ILE A 186 -14.64 24.99 17.15
C ILE A 186 -15.14 23.56 16.96
N GLU A 187 -14.74 22.99 15.83
CA GLU A 187 -15.13 21.65 15.41
C GLU A 187 -14.32 20.50 15.99
N ASN A 188 -14.63 19.31 15.47
CA ASN A 188 -14.00 18.05 15.82
C ASN A 188 -15.00 16.92 15.58
N ASP A 189 -14.59 15.90 14.84
CA ASP A 189 -15.46 14.77 14.55
C ASP A 189 -14.68 13.51 14.16
#